data_6FAU
#
_entry.id   6FAU
#
_cell.length_a   62.800
_cell.length_b   70.260
_cell.length_c   128.180
_cell.angle_alpha   90.000
_cell.angle_beta   90.000
_cell.angle_gamma   90.000
#
_symmetry.space_group_name_H-M   'P 21 21 21'
#
loop_
_entity.id
_entity.type
_entity.pdbx_description
1 polymer '14-3-3 protein sigma'
2 polymer ACE-ARG-THR-PRO-SEP-LEU-PRO-GLY
3 polymer THR-PRO-SEP-LEU-PRO-GLY
4 non-polymer 'SODIUM ION'
5 non-polymer (2~{R})-2-[(~{R})-(2-methoxyphenyl)-phenyl-methyl]pyrrolidine
6 non-polymer 'CHLORIDE ION'
7 water water
#
loop_
_entity_poly.entity_id
_entity_poly.type
_entity_poly.pdbx_seq_one_letter_code
_entity_poly.pdbx_strand_id
1 'polypeptide(L)'
;GAMGSMERASLIQKAKLAEQAERYEDMAAFMKGAVEKGEELSCEERNLLSVAYKNVVGGQRAAWRVLSSIEQKSNEEGSE
EKGPEVREYREKVETELQGVCDTVLGLLDSHLIKEAGDAESRVFYLKMKGDYYRYLAEVATGDDKKRIIDSARSAYQEAM
DISKKEMPPTNPIRLGLALNFSVFHYEIANSPEEAISLAKTTFDEAMADLHTLSEDSYKDSTLIMQLLRDNLTLWT
;
A,C
2 'polypeptide(L)' (ACE)RTP(SEP)LPG B
3 'polypeptide(L)' TP(SEP)LPG D
#
loop_
_chem_comp.id
_chem_comp.type
_chem_comp.name
_chem_comp.formula
ACE non-polymer 'ACETYL GROUP' 'C2 H4 O'
CL non-polymer 'CHLORIDE ION' 'Cl -1'
D3W non-polymer (2~{R})-2-[(~{R})-(2-methoxyphenyl)-phenyl-methyl]pyrrolidine 'C18 H21 N O'
NA non-polymer 'SODIUM ION' 'Na 1'
#
# COMPACT_ATOMS: atom_id res chain seq x y z
N GLY A 1 1.53 21.31 -0.15
CA GLY A 1 2.65 20.99 0.78
C GLY A 1 3.61 22.14 0.95
N ALA A 2 4.53 22.02 1.91
CA ALA A 2 5.40 23.13 2.28
C ALA A 2 6.40 23.50 1.20
N MET A 3 6.65 22.63 0.22
CA MET A 3 7.57 22.92 -0.88
C MET A 3 6.85 23.37 -2.14
N GLY A 4 5.52 23.43 -2.11
CA GLY A 4 4.77 23.68 -3.32
C GLY A 4 5.05 25.04 -3.95
N SER A 5 5.37 26.04 -3.14
CA SER A 5 5.62 27.36 -3.68
C SER A 5 7.06 27.59 -4.09
N MET A 6 7.95 26.62 -3.90
CA MET A 6 9.35 26.79 -4.24
C MET A 6 9.65 26.27 -5.64
N GLU A 7 10.49 27.01 -6.37
CA GLU A 7 10.92 26.59 -7.69
C GLU A 7 11.64 25.23 -7.63
N ARG A 8 11.41 24.41 -8.65
CA ARG A 8 12.12 23.15 -8.79
C ARG A 8 13.63 23.34 -8.66
N ALA A 9 14.20 24.32 -9.37
CA ALA A 9 15.65 24.46 -9.34
C ALA A 9 16.14 24.87 -7.97
N SER A 10 15.35 25.65 -7.25
CA SER A 10 15.72 26.04 -5.89
C SER A 10 15.70 24.84 -4.95
N LEU A 11 14.72 23.95 -5.12
CA LEU A 11 14.66 22.74 -4.32
C LEU A 11 15.89 21.87 -4.54
N ILE A 12 16.29 21.71 -5.81
N ILE A 12 16.34 21.75 -5.79
CA ILE A 12 17.50 20.94 -6.12
CA ILE A 12 17.51 20.90 -6.05
C ILE A 12 18.73 21.59 -5.49
C ILE A 12 18.77 21.57 -5.54
N GLN A 13 18.86 22.90 -5.66
CA GLN A 13 20.01 23.61 -5.11
C GLN A 13 20.07 23.44 -3.59
N LYS A 14 18.91 23.54 -2.93
CA LYS A 14 18.90 23.40 -1.48
C LYS A 14 19.13 21.96 -1.05
N ALA A 15 18.71 20.97 -1.84
CA ALA A 15 19.07 19.60 -1.53
C ALA A 15 20.58 19.43 -1.51
N LYS A 16 21.29 20.06 -2.46
CA LYS A 16 22.73 19.95 -2.49
C LYS A 16 23.37 20.66 -1.30
N LEU A 17 22.82 21.81 -0.90
CA LEU A 17 23.32 22.49 0.29
C LEU A 17 23.08 21.64 1.53
N ALA A 18 21.89 21.04 1.61
CA ALA A 18 21.58 20.19 2.77
C ALA A 18 22.54 19.03 2.85
N GLU A 19 22.91 18.44 1.70
CA GLU A 19 23.89 17.36 1.71
C GLU A 19 25.22 17.85 2.27
N GLN A 20 25.68 19.02 1.83
CA GLN A 20 26.93 19.57 2.33
C GLN A 20 26.89 19.80 3.83
N ALA A 21 25.73 20.15 4.36
CA ALA A 21 25.54 20.36 5.79
C ALA A 21 25.17 19.09 6.53
N GLU A 22 25.08 17.96 5.83
N GLU A 22 25.13 17.95 5.84
CA GLU A 22 24.73 16.67 6.43
CA GLU A 22 24.72 16.69 6.46
C GLU A 22 23.33 16.69 7.05
C GLU A 22 23.37 16.83 7.15
N ARG A 23 22.44 17.49 6.47
CA ARG A 23 21.07 17.62 6.95
C ARG A 23 20.19 16.78 6.02
N TYR A 24 20.20 15.48 6.26
CA TYR A 24 19.61 14.57 5.30
C TYR A 24 18.09 14.57 5.33
N GLU A 25 17.47 14.83 6.48
CA GLU A 25 16.03 14.99 6.51
CA GLU A 25 16.02 15.00 6.51
C GLU A 25 15.60 16.17 5.64
N ASP A 26 16.29 17.31 5.76
CA ASP A 26 16.00 18.44 4.89
C ASP A 26 16.24 18.08 3.43
N MET A 27 17.35 17.41 3.16
CA MET A 27 17.68 17.00 1.80
C MET A 27 16.55 16.19 1.19
N ALA A 28 16.04 15.22 1.95
CA ALA A 28 14.97 14.37 1.45
C ALA A 28 13.72 15.17 1.19
N ALA A 29 13.39 16.10 2.09
CA ALA A 29 12.18 16.90 1.91
C ALA A 29 12.28 17.79 0.68
N PHE A 30 13.47 18.35 0.42
CA PHE A 30 13.66 19.14 -0.78
C PHE A 30 13.52 18.28 -2.03
N MET A 31 14.14 17.09 -2.03
CA MET A 31 14.05 16.22 -3.20
C MET A 31 12.62 15.71 -3.41
N LYS A 32 11.88 15.43 -2.34
CA LYS A 32 10.47 15.07 -2.48
C LYS A 32 9.71 16.20 -3.16
N GLY A 33 9.94 17.43 -2.71
CA GLY A 33 9.29 18.55 -3.36
C GLY A 33 9.64 18.65 -4.83
N ALA A 34 10.90 18.40 -5.18
CA ALA A 34 11.30 18.43 -6.58
C ALA A 34 10.58 17.35 -7.38
N VAL A 35 10.51 16.13 -6.85
CA VAL A 35 9.78 15.06 -7.54
C VAL A 35 8.35 15.49 -7.81
N GLU A 36 7.72 16.15 -6.83
CA GLU A 36 6.32 16.51 -6.92
C GLU A 36 6.05 17.59 -7.96
N LYS A 37 7.09 18.21 -8.54
CA LYS A 37 6.88 19.09 -9.67
C LYS A 37 6.44 18.35 -10.92
N GLY A 38 6.62 17.03 -10.97
CA GLY A 38 6.08 16.24 -12.04
C GLY A 38 6.98 16.06 -13.24
N GLU A 39 8.21 16.53 -13.18
CA GLU A 39 9.17 16.33 -14.25
C GLU A 39 10.07 15.14 -13.89
N GLU A 40 10.56 14.45 -14.91
N GLU A 40 10.49 14.40 -14.91
CA GLU A 40 11.46 13.32 -14.68
CA GLU A 40 11.48 13.35 -14.69
C GLU A 40 12.80 13.80 -14.14
C GLU A 40 12.69 13.91 -13.95
N LEU A 41 13.37 13.03 -13.21
CA LEU A 41 14.64 13.35 -12.59
C LEU A 41 15.78 12.98 -13.51
N SER A 42 16.79 13.82 -13.55
CA SER A 42 18.02 13.48 -14.23
C SER A 42 18.78 12.45 -13.41
N CYS A 43 19.85 11.92 -14.00
N CYS A 43 19.85 11.92 -14.00
CA CYS A 43 20.70 10.96 -13.29
CA CYS A 43 20.70 10.98 -13.29
C CYS A 43 21.21 11.57 -11.98
C CYS A 43 21.21 11.57 -11.98
N GLU A 44 21.73 12.80 -12.03
CA GLU A 44 22.24 13.43 -10.82
C GLU A 44 21.13 13.57 -9.79
N GLU A 45 19.95 13.98 -10.22
CA GLU A 45 18.84 14.19 -9.31
C GLU A 45 18.37 12.87 -8.68
N ARG A 46 18.34 11.79 -9.45
CA ARG A 46 17.99 10.48 -8.89
C ARG A 46 18.95 10.11 -7.77
N ASN A 47 20.25 10.35 -7.98
N ASN A 47 20.24 10.36 -7.95
CA ASN A 47 21.25 10.07 -6.97
CA ASN A 47 21.17 9.97 -6.91
C ASN A 47 20.99 10.89 -5.71
C ASN A 47 21.12 10.92 -5.70
N LEU A 48 20.67 12.17 -5.88
CA LEU A 48 20.39 13.02 -4.72
C LEU A 48 19.20 12.48 -3.94
N LEU A 49 18.13 12.11 -4.64
CA LEU A 49 16.96 11.55 -3.97
C LEU A 49 17.34 10.32 -3.16
N SER A 50 18.11 9.43 -3.77
N SER A 50 18.12 9.43 -3.76
CA SER A 50 18.48 8.18 -3.13
CA SER A 50 18.47 8.17 -3.10
C SER A 50 19.40 8.41 -1.93
C SER A 50 19.40 8.40 -1.92
N VAL A 51 20.41 9.25 -2.08
CA VAL A 51 21.32 9.53 -0.96
C VAL A 51 20.53 10.08 0.22
N ALA A 52 19.61 11.00 -0.05
CA ALA A 52 18.89 11.65 1.03
C ALA A 52 18.11 10.62 1.85
N TYR A 53 17.26 9.84 1.19
CA TYR A 53 16.45 8.88 1.91
C TYR A 53 17.28 7.74 2.48
N LYS A 54 18.35 7.33 1.79
N LYS A 54 18.36 7.33 1.80
CA LYS A 54 19.27 6.33 2.32
CA LYS A 54 19.24 6.32 2.36
C LYS A 54 19.75 6.71 3.71
C LYS A 54 19.72 6.72 3.74
N ASN A 55 20.13 7.98 3.88
CA ASN A 55 20.69 8.43 5.13
C ASN A 55 19.61 8.56 6.19
N VAL A 56 18.43 9.03 5.82
CA VAL A 56 17.32 9.08 6.78
C VAL A 56 16.98 7.69 7.28
N VAL A 57 16.66 6.76 6.37
CA VAL A 57 16.24 5.44 6.80
CA VAL A 57 16.25 5.43 6.82
C VAL A 57 17.42 4.69 7.44
N GLY A 58 18.64 4.98 7.01
CA GLY A 58 19.80 4.34 7.62
C GLY A 58 19.93 4.64 9.10
N GLY A 59 19.69 5.90 9.48
CA GLY A 59 19.72 6.23 10.89
C GLY A 59 18.61 5.54 11.66
N GLN A 60 17.43 5.46 11.05
CA GLN A 60 16.31 4.79 11.71
C GLN A 60 16.54 3.30 11.86
N ARG A 61 17.07 2.65 10.82
CA ARG A 61 17.37 1.23 10.89
C ARG A 61 18.40 0.94 11.96
N ALA A 62 19.44 1.78 12.05
CA ALA A 62 20.46 1.56 13.07
C ALA A 62 19.86 1.70 14.46
N ALA A 63 19.03 2.71 14.67
CA ALA A 63 18.39 2.89 15.97
C ALA A 63 17.44 1.73 16.29
N TRP A 64 16.66 1.29 15.30
CA TRP A 64 15.76 0.17 15.49
C TRP A 64 16.52 -1.08 15.91
N ARG A 65 17.66 -1.36 15.28
CA ARG A 65 18.44 -2.53 15.65
CA ARG A 65 18.44 -2.53 15.65
C ARG A 65 18.96 -2.42 17.08
N VAL A 66 19.42 -1.23 17.49
CA VAL A 66 19.86 -1.05 18.87
C VAL A 66 18.73 -1.38 19.83
N LEU A 67 17.56 -0.78 19.60
CA LEU A 67 16.44 -0.93 20.52
C LEU A 67 15.90 -2.35 20.50
N SER A 68 15.85 -2.98 19.32
CA SER A 68 15.38 -4.35 19.23
CA SER A 68 15.38 -4.34 19.22
C SER A 68 16.29 -5.29 20.00
N SER A 69 17.60 -5.04 19.97
CA SER A 69 18.53 -5.87 20.72
CA SER A 69 18.53 -5.87 20.72
C SER A 69 18.33 -5.72 22.22
N ILE A 70 18.14 -4.47 22.68
CA ILE A 70 17.85 -4.25 24.10
C ILE A 70 16.56 -4.96 24.48
N GLU A 71 15.56 -4.88 23.61
CA GLU A 71 14.26 -5.49 23.88
C GLU A 71 14.37 -7.01 23.97
N GLN A 72 15.08 -7.62 23.01
CA GLN A 72 15.22 -9.07 23.02
C GLN A 72 15.92 -9.54 24.28
N LYS A 73 16.87 -8.77 24.78
CA LYS A 73 17.57 -9.17 26.00
C LYS A 73 16.71 -8.94 27.24
N SER A 74 15.88 -7.90 27.24
CA SER A 74 14.95 -7.73 28.36
C SER A 74 13.92 -8.84 28.40
N ASN A 75 13.63 -9.48 27.28
CA ASN A 75 12.66 -10.57 27.23
C ASN A 75 13.36 -11.91 27.42
N GLY A 83 8.94 -2.91 32.62
CA GLY A 83 7.82 -2.13 32.13
C GLY A 83 7.76 -2.08 30.62
N PRO A 84 6.79 -1.34 30.08
CA PRO A 84 6.55 -1.33 28.64
C PRO A 84 7.48 -0.41 27.85
N GLU A 85 8.43 0.26 28.50
CA GLU A 85 9.09 1.41 27.87
C GLU A 85 9.96 1.03 26.67
N VAL A 86 10.74 -0.05 26.78
CA VAL A 86 11.60 -0.43 25.66
C VAL A 86 10.74 -0.77 24.44
N ARG A 87 9.71 -1.58 24.64
CA ARG A 87 8.81 -1.91 23.54
C ARG A 87 8.19 -0.66 22.95
N GLU A 88 7.69 0.24 23.81
CA GLU A 88 7.04 1.44 23.31
C GLU A 88 7.98 2.25 22.44
N TYR A 89 9.22 2.42 22.89
CA TYR A 89 10.14 3.27 22.14
C TYR A 89 10.61 2.57 20.86
N ARG A 90 10.84 1.26 20.91
CA ARG A 90 11.14 0.52 19.69
C ARG A 90 10.00 0.64 18.69
N GLU A 91 8.75 0.56 19.18
CA GLU A 91 7.59 0.71 18.30
C GLU A 91 7.53 2.11 17.71
N LYS A 92 7.87 3.13 18.50
N LYS A 92 7.89 3.13 18.49
CA LYS A 92 7.88 4.50 17.98
CA LYS A 92 7.88 4.49 17.99
C LYS A 92 8.85 4.62 16.83
C LYS A 92 8.86 4.65 16.83
N VAL A 93 10.10 4.16 17.02
CA VAL A 93 11.09 4.25 15.96
C VAL A 93 10.65 3.42 14.74
N GLU A 94 10.11 2.23 15.00
CA GLU A 94 9.65 1.37 13.92
C GLU A 94 8.58 2.06 13.08
N THR A 95 7.62 2.71 13.73
CA THR A 95 6.55 3.40 13.01
CA THR A 95 6.55 3.38 12.98
C THR A 95 7.10 4.55 12.17
N GLU A 96 8.08 5.29 12.69
N GLU A 96 8.06 5.29 12.72
CA GLU A 96 8.69 6.36 11.91
CA GLU A 96 8.72 6.35 11.97
C GLU A 96 9.46 5.80 10.72
C GLU A 96 9.41 5.78 10.73
N LEU A 97 10.16 4.70 10.91
CA LEU A 97 10.87 4.05 9.82
CA LEU A 97 10.86 4.08 9.80
C LEU A 97 9.88 3.60 8.74
N GLN A 98 8.79 2.97 9.15
CA GLN A 98 7.80 2.52 8.18
C GLN A 98 7.20 3.70 7.44
N GLY A 99 7.00 4.83 8.14
CA GLY A 99 6.48 6.01 7.50
C GLY A 99 7.41 6.54 6.42
N VAL A 100 8.72 6.53 6.68
CA VAL A 100 9.66 6.98 5.64
C VAL A 100 9.64 6.02 4.46
N CYS A 101 9.64 4.71 4.73
CA CYS A 101 9.58 3.75 3.64
C CYS A 101 8.31 3.93 2.82
N ASP A 102 7.17 4.15 3.48
CA ASP A 102 5.92 4.38 2.76
C ASP A 102 6.00 5.64 1.92
N THR A 103 6.66 6.69 2.44
CA THR A 103 6.85 7.91 1.67
C THR A 103 7.63 7.64 0.39
N VAL A 104 8.75 6.91 0.50
CA VAL A 104 9.58 6.62 -0.67
C VAL A 104 8.80 5.77 -1.65
N LEU A 105 8.16 4.70 -1.17
CA LEU A 105 7.40 3.84 -2.06
C LEU A 105 6.28 4.60 -2.75
N GLY A 106 5.66 5.54 -2.03
CA GLY A 106 4.63 6.37 -2.63
C GLY A 106 5.17 7.27 -3.72
N LEU A 107 6.35 7.87 -3.52
CA LEU A 107 6.96 8.68 -4.57
C LEU A 107 7.26 7.83 -5.79
N LEU A 108 7.80 6.64 -5.56
CA LEU A 108 8.12 5.74 -6.67
C LEU A 108 6.86 5.38 -7.44
N ASP A 109 5.81 4.97 -6.74
CA ASP A 109 4.60 4.51 -7.42
CA ASP A 109 4.61 4.50 -7.44
C ASP A 109 3.84 5.66 -8.06
N SER A 110 3.75 6.80 -7.38
N SER A 110 3.76 6.81 -7.37
CA SER A 110 2.90 7.88 -7.86
CA SER A 110 2.90 7.89 -7.85
C SER A 110 3.58 8.72 -8.94
C SER A 110 3.58 8.81 -8.85
N HIS A 111 4.91 8.86 -8.88
CA HIS A 111 5.61 9.83 -9.72
C HIS A 111 6.71 9.24 -10.60
N LEU A 112 7.46 8.24 -10.13
CA LEU A 112 8.75 7.95 -10.75
C LEU A 112 8.79 6.67 -11.58
N ILE A 113 8.13 5.61 -11.16
CA ILE A 113 8.13 4.36 -11.92
C ILE A 113 7.19 4.53 -13.10
N LYS A 114 7.72 4.28 -14.30
CA LYS A 114 6.95 4.44 -15.52
C LYS A 114 7.26 3.26 -16.43
N GLU A 115 6.27 2.90 -17.25
CA GLU A 115 6.50 1.90 -18.28
C GLU A 115 7.39 2.45 -19.37
N ALA A 116 7.11 3.67 -19.83
CA ALA A 116 8.07 4.39 -20.64
C ALA A 116 9.28 4.69 -19.79
N GLY A 117 10.38 5.00 -20.47
CA GLY A 117 11.59 5.38 -19.77
C GLY A 117 12.82 4.61 -20.22
N ASP A 118 13.96 5.23 -20.03
CA ASP A 118 15.22 4.60 -20.35
C ASP A 118 15.55 3.55 -19.30
N ALA A 119 16.35 2.57 -19.71
CA ALA A 119 16.64 1.45 -18.84
C ALA A 119 17.30 1.91 -17.55
N GLU A 120 18.13 2.96 -17.64
N GLU A 120 18.22 2.88 -17.63
CA GLU A 120 18.90 3.43 -16.49
CA GLU A 120 18.88 3.36 -16.42
C GLU A 120 17.98 3.92 -15.39
C GLU A 120 17.84 3.72 -15.39
N SER A 121 16.93 4.62 -15.74
CA SER A 121 15.98 5.11 -14.75
C SER A 121 15.03 4.01 -14.31
N ARG A 122 14.53 3.19 -15.23
N ARG A 122 14.52 3.21 -15.25
CA ARG A 122 13.57 2.16 -14.84
CA ARG A 122 13.59 2.15 -14.87
C ARG A 122 14.20 1.17 -13.86
C ARG A 122 14.21 1.21 -13.85
N VAL A 123 15.44 0.75 -14.14
CA VAL A 123 16.12 -0.18 -13.25
C VAL A 123 16.42 0.49 -11.92
N PHE A 124 16.87 1.75 -11.96
CA PHE A 124 17.20 2.47 -10.73
C PHE A 124 16.01 2.50 -9.80
N TYR A 125 14.83 2.86 -10.31
CA TYR A 125 13.67 3.00 -9.46
C TYR A 125 13.09 1.67 -9.01
N LEU A 126 13.09 0.65 -9.87
CA LEU A 126 12.62 -0.66 -9.44
C LEU A 126 13.54 -1.25 -8.38
N LYS A 127 14.85 -1.08 -8.55
CA LYS A 127 15.77 -1.47 -7.49
C LYS A 127 15.43 -0.77 -6.18
N MET A 128 15.22 0.55 -6.26
CA MET A 128 14.87 1.31 -5.06
C MET A 128 13.60 0.77 -4.42
N LYS A 129 12.60 0.43 -5.23
CA LYS A 129 11.38 -0.14 -4.68
C LYS A 129 11.68 -1.43 -3.94
N GLY A 130 12.50 -2.30 -4.54
CA GLY A 130 12.92 -3.51 -3.86
C GLY A 130 13.60 -3.21 -2.53
N ASP A 131 14.50 -2.24 -2.53
CA ASP A 131 15.22 -1.89 -1.30
C ASP A 131 14.28 -1.46 -0.20
N TYR A 132 13.31 -0.57 -0.51
CA TYR A 132 12.47 -0.03 0.55
C TYR A 132 11.44 -1.06 1.04
N TYR A 133 10.99 -1.96 0.16
CA TYR A 133 10.23 -3.11 0.68
C TYR A 133 11.11 -3.99 1.54
N ARG A 134 12.39 -4.15 1.16
CA ARG A 134 13.30 -4.93 2.01
C ARG A 134 13.45 -4.29 3.40
N TYR A 135 13.55 -2.96 3.46
CA TYR A 135 13.65 -2.32 4.77
C TYR A 135 12.38 -2.55 5.59
N LEU A 136 11.22 -2.51 4.93
CA LEU A 136 9.98 -2.85 5.63
C LEU A 136 10.01 -4.30 6.11
N ALA A 137 10.57 -5.21 5.30
CA ALA A 137 10.61 -6.61 5.67
C ALA A 137 11.48 -6.84 6.89
N GLU A 138 12.53 -6.05 7.06
CA GLU A 138 13.43 -6.20 8.20
C GLU A 138 12.69 -6.05 9.52
N VAL A 139 11.62 -5.26 9.56
CA VAL A 139 10.88 -5.00 10.82
C VAL A 139 9.53 -5.69 10.86
N ALA A 140 9.14 -6.41 9.81
CA ALA A 140 7.85 -7.07 9.76
C ALA A 140 7.91 -8.47 10.36
N THR A 141 6.74 -8.99 10.72
N THR A 141 6.74 -8.99 10.72
CA THR A 141 6.64 -10.35 11.21
CA THR A 141 6.61 -10.34 11.25
C THR A 141 5.48 -11.06 10.50
C THR A 141 5.45 -11.05 10.56
N GLY A 142 5.45 -12.38 10.66
CA GLY A 142 4.32 -13.19 10.24
C GLY A 142 3.96 -13.06 8.78
N ASP A 143 2.65 -13.19 8.51
CA ASP A 143 2.15 -13.20 7.15
C ASP A 143 2.36 -11.85 6.47
N ASP A 144 2.26 -10.76 7.23
CA ASP A 144 2.57 -9.44 6.69
C ASP A 144 3.98 -9.43 6.11
N LYS A 145 4.93 -10.03 6.83
CA LYS A 145 6.29 -10.15 6.31
C LYS A 145 6.29 -10.90 4.98
N LYS A 146 5.48 -11.96 4.86
N LYS A 146 5.47 -11.95 4.87
CA LYS A 146 5.47 -12.73 3.61
CA LYS A 146 5.44 -12.76 3.65
C LYS A 146 5.11 -11.85 2.42
C LYS A 146 5.08 -11.92 2.44
N ARG A 147 4.04 -11.06 2.56
N ARG A 147 4.05 -11.08 2.56
CA ARG A 147 3.58 -10.23 1.46
CA ARG A 147 3.61 -10.26 1.44
C ARG A 147 4.61 -9.15 1.11
C ARG A 147 4.65 -9.19 1.11
N ILE A 148 5.24 -8.57 2.13
CA ILE A 148 6.26 -7.54 1.90
C ILE A 148 7.46 -8.16 1.20
N ILE A 149 7.86 -9.36 1.62
CA ILE A 149 8.96 -10.04 0.97
C ILE A 149 8.65 -10.27 -0.50
N ASP A 150 7.43 -10.69 -0.81
N ASP A 150 7.43 -10.71 -0.81
CA ASP A 150 7.08 -10.92 -2.21
CA ASP A 150 7.05 -10.92 -2.20
C ASP A 150 7.09 -9.63 -3.01
C ASP A 150 7.13 -9.62 -2.99
N SER A 151 6.69 -8.51 -2.40
CA SER A 151 6.74 -7.23 -3.10
C SER A 151 8.17 -6.83 -3.41
N ALA A 152 9.07 -7.01 -2.45
CA ALA A 152 10.48 -6.73 -2.71
C ALA A 152 11.01 -7.62 -3.83
N ARG A 153 10.74 -8.92 -3.74
CA ARG A 153 11.22 -9.85 -4.76
CA ARG A 153 11.21 -9.85 -4.76
C ARG A 153 10.73 -9.44 -6.14
N SER A 154 9.44 -9.09 -6.25
CA SER A 154 8.87 -8.76 -7.55
CA SER A 154 8.87 -8.77 -7.56
C SER A 154 9.53 -7.54 -8.16
N ALA A 155 9.79 -6.52 -7.34
CA ALA A 155 10.44 -5.31 -7.85
C ALA A 155 11.86 -5.61 -8.28
N TYR A 156 12.62 -6.33 -7.47
CA TYR A 156 13.98 -6.68 -7.84
C TYR A 156 13.99 -7.52 -9.11
N GLN A 157 13.06 -8.47 -9.23
CA GLN A 157 13.06 -9.35 -10.39
C GLN A 157 12.78 -8.58 -11.68
N GLU A 158 11.83 -7.64 -11.64
CA GLU A 158 11.58 -6.84 -12.83
CA GLU A 158 11.57 -6.81 -12.81
C GLU A 158 12.80 -6.00 -13.19
N ALA A 159 13.45 -5.41 -12.19
CA ALA A 159 14.67 -4.66 -12.45
C ALA A 159 15.75 -5.55 -13.06
N MET A 160 15.88 -6.78 -12.54
CA MET A 160 16.86 -7.72 -13.07
CA MET A 160 16.86 -7.72 -13.06
C MET A 160 16.59 -8.03 -14.53
N ASP A 161 15.32 -8.29 -14.87
CA ASP A 161 14.99 -8.67 -16.23
C ASP A 161 15.34 -7.56 -17.19
N ILE A 162 15.00 -6.33 -16.84
CA ILE A 162 15.35 -5.18 -17.68
C ILE A 162 16.85 -5.04 -17.80
N SER A 163 17.56 -5.14 -16.66
N SER A 163 17.57 -5.15 -16.67
CA SER A 163 19.01 -4.88 -16.66
CA SER A 163 19.01 -4.97 -16.68
C SER A 163 19.75 -5.90 -17.51
C SER A 163 19.68 -5.95 -17.65
N LYS A 164 19.30 -7.14 -17.54
N LYS A 164 19.37 -7.24 -17.52
CA LYS A 164 19.99 -8.16 -18.33
CA LYS A 164 20.00 -8.23 -18.37
C LYS A 164 19.72 -7.98 -19.82
C LYS A 164 19.74 -7.98 -19.84
N LYS A 165 18.57 -7.45 -20.18
CA LYS A 165 18.24 -7.21 -21.59
C LYS A 165 18.85 -5.92 -22.13
N GLU A 166 18.93 -4.88 -21.31
N GLU A 166 18.93 -4.88 -21.30
CA GLU A 166 19.17 -3.53 -21.81
CA GLU A 166 19.21 -3.54 -21.79
C GLU A 166 20.44 -2.88 -21.30
C GLU A 166 20.58 -3.01 -21.42
N MET A 167 21.28 -3.59 -20.52
N MET A 167 21.23 -3.54 -20.39
CA MET A 167 22.49 -2.99 -19.95
CA MET A 167 22.49 -2.99 -19.92
C MET A 167 23.63 -4.00 -20.01
C MET A 167 23.62 -4.00 -20.11
N PRO A 168 24.86 -3.54 -20.25
CA PRO A 168 25.98 -4.47 -20.26
C PRO A 168 26.24 -5.02 -18.87
N PRO A 169 26.91 -6.17 -18.77
CA PRO A 169 27.10 -6.81 -17.46
C PRO A 169 28.02 -6.04 -16.54
N THR A 170 28.74 -5.03 -17.02
CA THR A 170 29.57 -4.16 -16.18
C THR A 170 28.84 -2.90 -15.74
N ASN A 171 27.62 -2.67 -16.18
CA ASN A 171 26.94 -1.43 -15.86
C ASN A 171 26.82 -1.28 -14.34
N PRO A 172 27.28 -0.17 -13.76
CA PRO A 172 27.26 -0.07 -12.29
C PRO A 172 25.88 -0.18 -11.67
N ILE A 173 24.84 0.35 -12.30
CA ILE A 173 23.50 0.22 -11.76
C ILE A 173 23.07 -1.24 -11.73
N ARG A 174 23.32 -1.96 -12.83
CA ARG A 174 23.05 -3.40 -12.88
C ARG A 174 23.80 -4.13 -11.79
N LEU A 175 25.07 -3.80 -11.59
CA LEU A 175 25.85 -4.49 -10.57
C LEU A 175 25.31 -4.23 -9.18
N GLY A 176 24.94 -2.97 -8.90
CA GLY A 176 24.42 -2.65 -7.58
C GLY A 176 23.08 -3.29 -7.31
N LEU A 177 22.25 -3.42 -8.35
CA LEU A 177 21.01 -4.17 -8.22
C LEU A 177 21.28 -5.62 -7.86
N ALA A 178 22.20 -6.26 -8.57
CA ALA A 178 22.52 -7.65 -8.27
C ALA A 178 23.06 -7.80 -6.86
N LEU A 179 23.89 -6.86 -6.42
N LEU A 179 23.90 -6.85 -6.43
CA LEU A 179 24.39 -6.89 -5.05
CA LEU A 179 24.40 -6.87 -5.06
C LEU A 179 23.24 -6.86 -4.06
C LEU A 179 23.24 -6.87 -4.07
N ASN A 180 22.30 -5.93 -4.23
CA ASN A 180 21.22 -5.82 -3.26
C ASN A 180 20.23 -6.97 -3.36
N PHE A 181 19.95 -7.46 -4.56
CA PHE A 181 19.05 -8.60 -4.69
C PHE A 181 19.67 -9.83 -4.05
N SER A 182 20.97 -10.00 -4.20
CA SER A 182 21.62 -11.13 -3.52
CA SER A 182 21.67 -11.09 -3.53
C SER A 182 21.58 -10.97 -2.00
N VAL A 183 21.74 -9.74 -1.49
CA VAL A 183 21.55 -9.51 -0.06
C VAL A 183 20.13 -9.87 0.36
N PHE A 184 19.13 -9.48 -0.44
CA PHE A 184 17.76 -9.88 -0.19
C PHE A 184 17.64 -11.40 -0.06
N HIS A 185 18.20 -12.14 -1.02
CA HIS A 185 18.11 -13.60 -0.95
C HIS A 185 18.73 -14.12 0.34
N TYR A 186 19.88 -13.57 0.73
CA TYR A 186 20.62 -14.11 1.86
C TYR A 186 19.97 -13.73 3.18
N GLU A 187 19.61 -12.46 3.35
CA GLU A 187 19.21 -11.92 4.64
C GLU A 187 17.71 -11.95 4.89
N ILE A 188 16.90 -11.93 3.84
CA ILE A 188 15.46 -11.78 3.95
C ILE A 188 14.72 -13.04 3.54
N ALA A 189 15.09 -13.61 2.39
CA ALA A 189 14.32 -14.68 1.77
C ALA A 189 14.81 -16.07 2.13
N ASN A 190 15.78 -16.18 3.03
CA ASN A 190 16.25 -17.49 3.47
C ASN A 190 16.71 -18.35 2.29
N SER A 191 17.43 -17.72 1.37
CA SER A 191 17.90 -18.39 0.14
C SER A 191 19.38 -18.11 -0.07
N PRO A 192 20.23 -18.54 0.86
CA PRO A 192 21.67 -18.24 0.71
C PRO A 192 22.27 -18.85 -0.53
N GLU A 193 21.82 -20.03 -0.97
N GLU A 193 21.81 -20.03 -0.96
CA GLU A 193 22.39 -20.59 -2.19
CA GLU A 193 22.34 -20.64 -2.18
C GLU A 193 22.12 -19.70 -3.39
C GLU A 193 22.09 -19.76 -3.39
N GLU A 194 20.89 -19.19 -3.51
CA GLU A 194 20.58 -18.29 -4.61
C GLU A 194 21.38 -17.00 -4.49
N ALA A 195 21.57 -16.50 -3.26
CA ALA A 195 22.37 -15.29 -3.07
C ALA A 195 23.79 -15.49 -3.57
N ILE A 196 24.40 -16.61 -3.20
CA ILE A 196 25.78 -16.91 -3.58
C ILE A 196 25.88 -17.09 -5.09
N SER A 197 24.95 -17.85 -5.68
CA SER A 197 24.99 -18.04 -7.13
CA SER A 197 24.96 -18.04 -7.14
C SER A 197 24.85 -16.71 -7.87
N LEU A 198 23.93 -15.84 -7.42
CA LEU A 198 23.76 -14.58 -8.11
C LEU A 198 24.99 -13.70 -7.99
N ALA A 199 25.58 -13.62 -6.80
CA ALA A 199 26.77 -12.79 -6.65
C ALA A 199 27.91 -13.32 -7.52
N LYS A 200 28.10 -14.64 -7.55
CA LYS A 200 29.18 -15.26 -8.32
CA LYS A 200 29.20 -15.20 -8.30
C LYS A 200 29.02 -15.00 -9.80
N THR A 201 27.84 -15.33 -10.34
CA THR A 201 27.66 -15.16 -11.78
CA THR A 201 27.62 -15.16 -11.78
C THR A 201 27.73 -13.69 -12.18
N THR A 202 27.19 -12.80 -11.35
CA THR A 202 27.29 -11.38 -11.65
C THR A 202 28.74 -10.93 -11.70
N PHE A 203 29.52 -11.31 -10.68
CA PHE A 203 30.91 -10.93 -10.64
C PHE A 203 31.65 -11.47 -11.85
N ASP A 204 31.44 -12.74 -12.17
CA ASP A 204 32.20 -13.38 -13.24
C ASP A 204 31.85 -12.78 -14.60
N GLU A 205 30.59 -12.44 -14.81
N GLU A 205 30.58 -12.49 -14.84
CA GLU A 205 30.16 -11.90 -16.10
CA GLU A 205 30.21 -11.91 -16.13
C GLU A 205 30.60 -10.46 -16.28
C GLU A 205 30.77 -10.50 -16.26
N ALA A 206 30.77 -9.74 -15.17
CA ALA A 206 31.37 -8.41 -15.23
C ALA A 206 32.87 -8.50 -15.48
N MET A 207 33.55 -9.41 -14.80
N MET A 207 33.55 -9.39 -14.76
CA MET A 207 35.00 -9.50 -14.97
CA MET A 207 34.98 -9.60 -14.96
C MET A 207 35.36 -9.78 -16.43
C MET A 207 35.30 -9.73 -16.43
N ALA A 208 34.56 -10.60 -17.12
CA ALA A 208 34.85 -10.95 -18.50
C ALA A 208 34.69 -9.78 -19.44
N ASP A 209 33.93 -8.75 -19.07
N ASP A 209 33.95 -8.75 -19.06
CA ASP A 209 33.71 -7.61 -19.95
CA ASP A 209 33.69 -7.62 -19.93
C ASP A 209 34.48 -6.36 -19.54
C ASP A 209 34.44 -6.35 -19.51
N LEU A 210 35.28 -6.43 -18.47
CA LEU A 210 36.03 -5.25 -18.05
C LEU A 210 36.94 -4.72 -19.16
N HIS A 211 37.39 -5.62 -20.04
CA HIS A 211 38.33 -5.21 -21.08
C HIS A 211 37.74 -4.19 -22.05
N THR A 212 36.42 -4.00 -22.04
CA THR A 212 35.77 -3.04 -22.93
C THR A 212 35.75 -1.62 -22.36
N LEU A 213 36.18 -1.41 -21.12
CA LEU A 213 35.89 -0.18 -20.41
C LEU A 213 37.10 0.74 -20.33
N SER A 214 36.80 2.03 -20.32
CA SER A 214 37.76 3.08 -20.05
CA SER A 214 37.84 3.01 -20.08
C SER A 214 38.27 2.97 -18.62
N GLU A 215 39.32 3.75 -18.31
CA GLU A 215 39.88 3.73 -16.97
C GLU A 215 38.84 4.13 -15.93
N ASP A 216 38.09 5.21 -16.19
CA ASP A 216 37.14 5.69 -15.19
C ASP A 216 35.94 4.75 -15.06
N SER A 217 35.45 4.20 -16.18
CA SER A 217 34.37 3.22 -16.10
C SER A 217 34.83 1.94 -15.43
N TYR A 218 36.06 1.52 -15.69
CA TYR A 218 36.63 0.37 -15.01
C TYR A 218 36.60 0.57 -13.50
N LYS A 219 36.99 1.75 -13.02
CA LYS A 219 36.94 1.99 -11.58
C LYS A 219 35.51 1.94 -11.06
N ASP A 220 34.56 2.56 -11.76
CA ASP A 220 33.18 2.55 -11.31
C ASP A 220 32.66 1.11 -11.21
N SER A 221 32.92 0.28 -12.21
CA SER A 221 32.43 -1.08 -12.22
C SER A 221 33.14 -1.94 -11.20
N THR A 222 34.48 -1.85 -11.15
CA THR A 222 35.22 -2.72 -10.24
C THR A 222 34.95 -2.40 -8.78
N LEU A 223 34.64 -1.15 -8.46
CA LEU A 223 34.29 -0.84 -7.08
C LEU A 223 33.09 -1.67 -6.62
N ILE A 224 32.07 -1.79 -7.48
CA ILE A 224 30.90 -2.57 -7.09
C ILE A 224 31.20 -4.06 -7.15
N MET A 225 31.99 -4.50 -8.15
CA MET A 225 32.40 -5.89 -8.17
C MET A 225 33.12 -6.27 -6.89
N GLN A 226 33.93 -5.36 -6.37
CA GLN A 226 34.64 -5.63 -5.12
C GLN A 226 33.67 -5.85 -3.96
N LEU A 227 32.55 -5.11 -3.94
CA LEU A 227 31.53 -5.36 -2.92
C LEU A 227 30.89 -6.73 -3.09
N LEU A 228 30.59 -7.13 -4.33
CA LEU A 228 30.08 -8.47 -4.57
C LEU A 228 31.04 -9.51 -4.04
N ARG A 229 32.33 -9.33 -4.30
CA ARG A 229 33.33 -10.28 -3.82
CA ARG A 229 33.31 -10.29 -3.83
C ARG A 229 33.38 -10.30 -2.30
N ASP A 230 33.29 -9.13 -1.67
CA ASP A 230 33.31 -9.09 -0.22
C ASP A 230 32.17 -9.92 0.36
N ASN A 231 30.99 -9.79 -0.22
CA ASN A 231 29.87 -10.58 0.29
C ASN A 231 30.08 -12.05 0.01
N LEU A 232 30.55 -12.39 -1.20
N LEU A 232 30.59 -12.38 -1.18
CA LEU A 232 30.81 -13.79 -1.50
CA LEU A 232 30.81 -13.77 -1.55
C LEU A 232 31.78 -14.39 -0.50
C LEU A 232 31.83 -14.43 -0.63
N THR A 233 32.88 -13.70 -0.24
CA THR A 233 33.88 -14.26 0.66
C THR A 233 33.40 -14.28 2.11
N LEU A 234 32.50 -13.37 2.48
CA LEU A 234 31.84 -13.47 3.78
C LEU A 234 30.98 -14.73 3.87
N TRP A 235 30.24 -15.02 2.81
CA TRP A 235 29.24 -16.06 2.82
C TRP A 235 29.80 -17.44 2.56
N THR A 236 31.02 -17.54 2.01
CA THR A 236 31.60 -18.83 1.63
C THR A 236 33.02 -18.95 2.14
C ACE B 1 25.10 -8.02 10.36
O ACE B 1 25.75 -8.97 9.92
CH3 ACE B 1 25.45 -7.35 11.67
N ARG B 2 24.07 -7.53 9.69
CA ARG B 2 23.65 -8.10 8.43
C ARG B 2 24.74 -7.92 7.35
N THR B 3 24.62 -8.72 6.29
CA THR B 3 25.49 -8.54 5.13
C THR B 3 25.36 -7.10 4.61
N PRO B 4 26.47 -6.45 4.24
CA PRO B 4 26.37 -5.08 3.67
C PRO B 4 25.72 -4.98 2.27
N SEP B 5 24.86 -3.98 2.13
CA SEP B 5 24.25 -3.66 0.84
CB SEP B 5 22.79 -3.28 1.06
OG SEP B 5 22.77 -2.16 1.93
C SEP B 5 25.02 -2.52 0.18
O SEP B 5 26.02 -2.05 0.71
P SEP B 5 21.35 -1.69 2.50
O1P SEP B 5 21.68 -0.43 3.35
O2P SEP B 5 20.79 -2.87 3.36
O3P SEP B 5 20.42 -1.35 1.28
HA SEP B 5 24.28 -4.45 0.25
HB2 SEP B 5 22.31 -4.01 1.46
HB3 SEP B 5 22.38 -3.03 0.20
N LEU B 6 24.57 -2.08 -0.99
CA LEU B 6 25.25 -1.01 -1.71
C LEU B 6 25.31 0.24 -0.83
N PRO B 7 26.48 0.85 -0.69
CA PRO B 7 26.62 2.00 0.22
C PRO B 7 26.28 3.32 -0.46
N GLY B 8 25.18 3.33 -1.20
CA GLY B 8 24.80 4.46 -2.01
C GLY B 8 23.83 3.95 -3.05
N GLY C 1 -5.20 -18.32 10.40
CA GLY C 1 -5.24 -17.51 11.65
C GLY C 1 -5.78 -18.30 12.83
N ALA C 2 -6.26 -17.61 13.85
CA ALA C 2 -6.80 -18.27 15.03
C ALA C 2 -7.96 -19.20 14.69
N MET C 3 -8.66 -18.95 13.58
CA MET C 3 -9.77 -19.80 13.17
C MET C 3 -9.35 -20.93 12.23
N GLY C 4 -8.06 -21.08 11.97
CA GLY C 4 -7.61 -22.04 10.98
C GLY C 4 -7.98 -23.48 11.30
N SER C 5 -8.14 -23.80 12.58
CA SER C 5 -8.43 -25.17 12.96
C SER C 5 -9.92 -25.48 13.02
N MET C 6 -10.80 -24.50 12.79
CA MET C 6 -12.23 -24.73 12.87
C MET C 6 -12.84 -24.96 11.49
N GLU C 7 -13.74 -25.94 11.41
N GLU C 7 -13.75 -25.92 11.39
CA GLU C 7 -14.46 -26.22 10.17
CA GLU C 7 -14.38 -26.20 10.12
C GLU C 7 -15.16 -24.96 9.65
C GLU C 7 -15.20 -25.00 9.64
N ARG C 8 -15.20 -24.82 8.32
CA ARG C 8 -15.91 -23.70 7.71
C ARG C 8 -17.36 -23.64 8.18
N ALA C 9 -18.06 -24.78 8.17
CA ALA C 9 -19.47 -24.78 8.52
C ALA C 9 -19.68 -24.38 9.97
N SER C 10 -18.76 -24.78 10.85
CA SER C 10 -18.82 -24.38 12.25
C SER C 10 -18.61 -22.88 12.42
N LEU C 11 -17.71 -22.29 11.63
CA LEU C 11 -17.48 -20.86 11.66
C LEU C 11 -18.73 -20.09 11.23
N ILE C 12 -19.39 -20.54 10.16
CA ILE C 12 -20.63 -19.87 9.74
C ILE C 12 -21.69 -19.98 10.81
N GLN C 13 -21.83 -21.19 11.40
N GLN C 13 -21.85 -21.18 11.39
CA GLN C 13 -22.80 -21.39 12.47
CA GLN C 13 -22.81 -21.36 12.48
C GLN C 13 -22.54 -20.45 13.65
C GLN C 13 -22.52 -20.39 13.61
N LYS C 14 -21.26 -20.30 14.04
CA LYS C 14 -20.93 -19.45 15.16
C LYS C 14 -21.05 -17.97 14.81
N ALA C 15 -20.81 -17.59 13.55
CA ALA C 15 -21.07 -16.21 13.15
C ALA C 15 -22.54 -15.87 13.36
N LYS C 16 -23.44 -16.80 13.04
CA LYS C 16 -24.87 -16.55 13.22
C LYS C 16 -25.24 -16.49 14.70
N LEU C 17 -24.62 -17.33 15.53
CA LEU C 17 -24.83 -17.25 16.97
C LEU C 17 -24.33 -15.93 17.53
N ALA C 18 -23.14 -15.50 17.07
CA ALA C 18 -22.59 -14.24 17.53
C ALA C 18 -23.52 -13.10 17.18
N GLU C 19 -24.10 -13.13 15.98
CA GLU C 19 -25.06 -12.09 15.61
C GLU C 19 -26.24 -12.06 16.57
N GLN C 20 -26.79 -13.23 16.88
CA GLN C 20 -27.91 -13.29 17.82
C GLN C 20 -27.52 -12.73 19.18
N ALA C 21 -26.28 -12.94 19.61
CA ALA C 21 -25.79 -12.45 20.89
C ALA C 21 -25.26 -11.03 20.80
N GLU C 22 -25.34 -10.38 19.63
CA GLU C 22 -24.84 -9.02 19.44
CA GLU C 22 -24.84 -9.02 19.45
C GLU C 22 -23.35 -8.92 19.78
N ARG C 23 -22.62 -9.96 19.42
CA ARG C 23 -21.18 -10.05 19.63
C ARG C 23 -20.52 -9.86 18.26
N TYR C 24 -20.47 -8.62 17.80
CA TYR C 24 -20.11 -8.37 16.41
C TYR C 24 -18.63 -8.54 16.15
N GLU C 25 -17.77 -8.26 17.12
CA GLU C 25 -16.36 -8.57 16.93
CA GLU C 25 -16.36 -8.57 16.93
C GLU C 25 -16.15 -10.06 16.73
N ASP C 26 -16.81 -10.88 17.55
CA ASP C 26 -16.75 -12.34 17.35
C ASP C 26 -17.29 -12.70 15.98
N MET C 27 -18.44 -12.12 15.62
CA MET C 27 -19.05 -12.43 14.33
C MET C 27 -18.08 -12.16 13.18
N ALA C 28 -17.39 -11.02 13.24
CA ALA C 28 -16.43 -10.66 12.21
C ALA C 28 -15.25 -11.62 12.18
N ALA C 29 -14.75 -12.01 13.35
CA ALA C 29 -13.63 -12.95 13.41
C ALA C 29 -14.03 -14.31 12.84
N PHE C 30 -15.25 -14.77 13.12
CA PHE C 30 -15.70 -16.05 12.57
C PHE C 30 -15.83 -15.96 11.06
N MET C 31 -16.36 -14.85 10.57
CA MET C 31 -16.51 -14.69 9.12
C MET C 31 -15.15 -14.53 8.43
N LYS C 32 -14.21 -13.84 9.05
CA LYS C 32 -12.84 -13.79 8.53
C LYS C 32 -12.28 -15.19 8.40
N GLY C 33 -12.45 -16.01 9.44
CA GLY C 33 -11.97 -17.38 9.36
C GLY C 33 -12.63 -18.13 8.23
N ALA C 34 -13.93 -17.93 8.04
CA ALA C 34 -14.63 -18.63 6.95
C ALA C 34 -14.09 -18.18 5.58
N VAL C 35 -13.89 -16.88 5.39
CA VAL C 35 -13.33 -16.40 4.13
C VAL C 35 -11.97 -17.03 3.88
N GLU C 36 -11.13 -17.09 4.90
CA GLU C 36 -9.76 -17.60 4.75
C GLU C 36 -9.70 -19.09 4.45
N LYS C 37 -10.83 -19.81 4.50
CA LYS C 37 -10.84 -21.18 3.99
C LYS C 37 -10.63 -21.23 2.49
N GLY C 38 -10.87 -20.14 1.78
CA GLY C 38 -10.58 -20.07 0.37
C GLY C 38 -11.72 -20.42 -0.57
N GLU C 39 -12.89 -20.73 -0.05
CA GLU C 39 -14.05 -21.00 -0.88
C GLU C 39 -14.88 -19.73 -1.08
N GLU C 40 -15.58 -19.67 -2.22
CA GLU C 40 -16.50 -18.57 -2.47
C GLU C 40 -17.55 -18.50 -1.38
N LEU C 41 -18.11 -17.31 -1.20
CA LEU C 41 -19.21 -17.10 -0.27
C LEU C 41 -20.52 -17.08 -1.04
N SER C 42 -21.57 -17.63 -0.41
CA SER C 42 -22.91 -17.46 -0.93
C SER C 42 -23.38 -16.04 -0.65
N CYS C 43 -24.54 -15.69 -1.22
N CYS C 43 -24.54 -15.70 -1.21
CA CYS C 43 -25.09 -14.36 -0.96
CA CYS C 43 -25.10 -14.38 -0.97
C CYS C 43 -25.37 -14.15 0.53
C CYS C 43 -25.35 -14.17 0.52
N GLU C 44 -25.95 -15.16 1.19
CA GLU C 44 -26.17 -15.05 2.62
C GLU C 44 -24.87 -14.84 3.37
N GLU C 45 -23.81 -15.57 2.99
CA GLU C 45 -22.54 -15.46 3.71
C GLU C 45 -21.87 -14.11 3.47
N ARG C 46 -21.91 -13.63 2.21
N ARG C 46 -21.93 -13.58 2.25
CA ARG C 46 -21.44 -12.29 1.89
CA ARG C 46 -21.30 -12.28 2.04
C ARG C 46 -22.08 -11.27 2.81
C ARG C 46 -22.08 -11.17 2.75
N ASN C 47 -23.39 -11.35 2.96
CA ASN C 47 -24.13 -10.41 3.79
C ASN C 47 -23.72 -10.52 5.25
N LEU C 48 -23.48 -11.74 5.73
CA LEU C 48 -23.00 -11.89 7.10
C LEU C 48 -21.65 -11.20 7.28
N LEU C 49 -20.74 -11.40 6.34
CA LEU C 49 -19.43 -10.73 6.39
C LEU C 49 -19.60 -9.22 6.46
N SER C 50 -20.45 -8.68 5.58
CA SER C 50 -20.62 -7.23 5.51
C SER C 50 -21.27 -6.69 6.78
N VAL C 51 -22.29 -7.37 7.29
CA VAL C 51 -22.97 -6.91 8.50
C VAL C 51 -22.00 -6.91 9.68
N ALA C 52 -21.20 -7.97 9.81
CA ALA C 52 -20.30 -8.09 10.96
C ALA C 52 -19.31 -6.94 10.97
N TYR C 53 -18.61 -6.73 9.85
CA TYR C 53 -17.60 -5.68 9.83
C TYR C 53 -18.20 -4.29 9.83
N LYS C 54 -19.39 -4.11 9.25
CA LYS C 54 -19.99 -2.79 9.31
C LYS C 54 -20.31 -2.41 10.74
N ASN C 55 -20.76 -3.38 11.54
N ASN C 55 -20.75 -3.38 11.54
CA ASN C 55 -21.05 -3.10 12.95
CA ASN C 55 -21.05 -3.09 12.94
C ASN C 55 -19.77 -2.75 13.70
C ASN C 55 -19.76 -2.73 13.69
N VAL C 56 -18.70 -3.50 13.48
CA VAL C 56 -17.42 -3.21 14.13
C VAL C 56 -16.90 -1.84 13.72
N VAL C 57 -16.75 -1.61 12.41
N VAL C 57 -16.73 -1.62 12.42
CA VAL C 57 -16.18 -0.36 11.96
CA VAL C 57 -16.17 -0.34 11.98
C VAL C 57 -17.11 0.81 12.25
C VAL C 57 -17.11 0.80 12.30
N GLY C 58 -18.42 0.57 12.23
CA GLY C 58 -19.36 1.64 12.54
C GLY C 58 -19.21 2.14 13.95
N GLY C 59 -18.98 1.23 14.90
CA GLY C 59 -18.75 1.63 16.27
C GLY C 59 -17.46 2.41 16.42
N GLN C 60 -16.43 1.99 15.69
CA GLN C 60 -15.15 2.71 15.74
C GLN C 60 -15.26 4.09 15.11
N ARG C 61 -15.94 4.18 13.97
CA ARG C 61 -16.15 5.47 13.33
C ARG C 61 -16.91 6.43 14.25
N ALA C 62 -17.96 5.93 14.90
CA ALA C 62 -18.73 6.77 15.82
C ALA C 62 -17.86 7.25 16.97
N ALA C 63 -17.05 6.36 17.54
CA ALA C 63 -16.17 6.76 18.64
C ALA C 63 -15.13 7.77 18.15
N TRP C 64 -14.55 7.53 16.97
CA TRP C 64 -13.57 8.46 16.41
C TRP C 64 -14.19 9.84 16.23
N ARG C 65 -15.43 9.91 15.76
CA ARG C 65 -16.09 11.20 15.56
CA ARG C 65 -16.07 11.20 15.55
C ARG C 65 -16.33 11.91 16.89
N VAL C 66 -16.73 11.17 17.92
CA VAL C 66 -16.90 11.77 19.25
C VAL C 66 -15.59 12.39 19.71
N LEU C 67 -14.51 11.63 19.60
CA LEU C 67 -13.22 12.08 20.11
C LEU C 67 -12.66 13.20 19.27
N SER C 68 -12.85 13.15 17.94
CA SER C 68 -12.41 14.21 17.06
CA SER C 68 -12.39 14.22 17.09
C SER C 68 -13.13 15.52 17.40
N SER C 69 -14.41 15.44 17.73
CA SER C 69 -15.16 16.65 18.09
CA SER C 69 -15.17 16.64 18.09
C SER C 69 -14.66 17.23 19.40
N ILE C 70 -14.38 16.38 20.39
CA ILE C 70 -13.80 16.87 21.63
C ILE C 70 -12.44 17.50 21.36
N GLU C 71 -11.64 16.87 20.51
CA GLU C 71 -10.32 17.38 20.19
C GLU C 71 -10.40 18.74 19.51
N GLN C 72 -11.31 18.86 18.54
CA GLN C 72 -11.48 20.13 17.86
C GLN C 72 -11.88 21.23 18.84
N LYS C 73 -12.82 20.94 19.75
CA LYS C 73 -13.22 21.94 20.73
C LYS C 73 -12.06 22.31 21.64
N SER C 74 -11.27 21.33 22.07
CA SER C 74 -10.12 21.61 22.92
C SER C 74 -9.14 22.58 22.25
N ASN C 75 -9.17 22.67 20.93
CA ASN C 75 -8.31 23.60 20.21
C ASN C 75 -9.07 24.89 19.91
N GLY C 83 -3.86 19.25 27.35
CA GLY C 83 -2.84 18.22 27.26
C GLY C 83 -2.99 17.34 26.04
N PRO C 84 -2.08 16.38 25.89
CA PRO C 84 -2.07 15.52 24.70
C PRO C 84 -3.08 14.38 24.73
N GLU C 85 -3.85 14.22 25.81
CA GLU C 85 -4.57 12.98 26.02
C GLU C 85 -5.69 12.78 25.01
N VAL C 86 -6.43 13.84 24.66
CA VAL C 86 -7.51 13.68 23.69
C VAL C 86 -6.96 13.21 22.35
N ARG C 87 -5.92 13.88 21.87
CA ARG C 87 -5.28 13.47 20.63
C ARG C 87 -4.79 12.04 20.72
N GLU C 88 -4.11 11.69 21.82
CA GLU C 88 -3.57 10.35 21.94
C GLU C 88 -4.66 9.30 21.87
N TYR C 89 -5.77 9.53 22.56
CA TYR C 89 -6.83 8.53 22.57
C TYR C 89 -7.55 8.48 21.22
N ARG C 90 -7.77 9.64 20.59
CA ARG C 90 -8.28 9.65 19.23
C ARG C 90 -7.37 8.85 18.30
N GLU C 91 -6.05 9.00 18.44
CA GLU C 91 -5.10 8.25 17.60
C GLU C 91 -5.19 6.75 17.89
N LYS C 92 -5.41 6.37 19.15
CA LYS C 92 -5.55 4.95 19.47
CA LYS C 92 -5.55 4.96 19.47
C LYS C 92 -6.76 4.36 18.77
N VAL C 93 -7.90 5.03 18.86
CA VAL C 93 -9.10 4.55 18.19
C VAL C 93 -8.88 4.54 16.68
N GLU C 94 -8.25 5.58 16.15
CA GLU C 94 -7.96 5.67 14.73
C GLU C 94 -7.13 4.49 14.25
N THR C 95 -6.08 4.14 15.00
CA THR C 95 -5.23 3.02 14.62
CA THR C 95 -5.24 3.02 14.60
C THR C 95 -6.01 1.71 14.61
N GLU C 96 -6.90 1.53 15.59
N GLU C 96 -6.90 1.52 15.58
CA GLU C 96 -7.73 0.34 15.63
CA GLU C 96 -7.70 0.31 15.59
C GLU C 96 -8.67 0.28 14.44
C GLU C 96 -8.66 0.28 14.40
N LEU C 97 -9.28 1.42 14.09
CA LEU C 97 -10.14 1.51 12.92
CA LEU C 97 -10.14 1.51 12.92
C LEU C 97 -9.36 1.18 11.65
N GLN C 98 -8.16 1.76 11.50
CA GLN C 98 -7.36 1.47 10.34
C GLN C 98 -7.03 -0.02 10.26
N GLY C 99 -6.79 -0.65 11.40
CA GLY C 99 -6.50 -2.08 11.39
C GLY C 99 -7.66 -2.90 10.90
N VAL C 100 -8.89 -2.56 11.32
CA VAL C 100 -10.06 -3.29 10.86
C VAL C 100 -10.25 -3.09 9.36
N CYS C 101 -10.09 -1.85 8.89
CA CYS C 101 -10.24 -1.61 7.46
C CYS C 101 -9.19 -2.37 6.66
N ASP C 102 -7.94 -2.38 7.14
CA ASP C 102 -6.90 -3.14 6.46
C ASP C 102 -7.23 -4.62 6.42
N THR C 103 -7.81 -5.15 7.50
CA THR C 103 -8.22 -6.56 7.54
C THR C 103 -9.27 -6.85 6.47
N VAL C 104 -10.30 -6.00 6.38
CA VAL C 104 -11.35 -6.20 5.39
C VAL C 104 -10.77 -6.11 3.99
N LEU C 105 -9.97 -5.07 3.74
CA LEU C 105 -9.37 -4.91 2.42
C LEU C 105 -8.49 -6.09 2.07
N GLY C 106 -7.81 -6.67 3.07
CA GLY C 106 -7.00 -7.85 2.81
C GLY C 106 -7.82 -9.05 2.38
N LEU C 107 -8.98 -9.24 3.00
CA LEU C 107 -9.88 -10.33 2.60
C LEU C 107 -10.38 -10.12 1.17
N LEU C 108 -10.72 -8.88 0.82
CA LEU C 108 -11.20 -8.60 -0.52
C LEU C 108 -10.12 -8.82 -1.56
N ASP C 109 -8.89 -8.41 -1.26
CA ASP C 109 -7.78 -8.56 -2.19
CA ASP C 109 -7.80 -8.57 -2.21
C ASP C 109 -7.25 -9.99 -2.23
N SER C 110 -7.43 -10.74 -1.16
CA SER C 110 -6.84 -12.08 -1.02
C SER C 110 -7.90 -13.01 -0.43
N HIS C 111 -8.88 -13.46 -1.24
CA HIS C 111 -8.95 -13.29 -2.69
C HIS C 111 -10.41 -13.17 -3.15
N LEU C 112 -11.25 -12.52 -2.35
CA LEU C 112 -12.69 -12.55 -2.63
C LEU C 112 -13.01 -11.96 -4.01
N ILE C 113 -12.45 -10.80 -4.33
CA ILE C 113 -12.79 -10.14 -5.58
C ILE C 113 -12.46 -11.04 -6.78
N LYS C 114 -11.23 -11.55 -6.82
CA LYS C 114 -10.80 -12.29 -8.01
C LYS C 114 -11.49 -13.63 -8.15
N GLU C 115 -11.97 -14.21 -7.05
CA GLU C 115 -12.65 -15.49 -7.08
C GLU C 115 -14.15 -15.38 -7.21
N ALA C 116 -14.70 -14.17 -7.16
CA ALA C 116 -16.14 -14.02 -7.26
C ALA C 116 -16.63 -14.56 -8.59
N GLY C 117 -17.63 -15.43 -8.54
CA GLY C 117 -18.06 -16.20 -9.70
C GLY C 117 -19.14 -15.59 -10.54
N ASP C 118 -19.70 -14.46 -10.12
CA ASP C 118 -20.77 -13.80 -10.87
C ASP C 118 -20.65 -12.29 -10.70
N ALA C 119 -21.31 -11.54 -11.59
CA ALA C 119 -21.18 -10.10 -11.60
C ALA C 119 -21.70 -9.47 -10.31
N GLU C 120 -22.83 -9.97 -9.80
N GLU C 120 -22.80 -9.99 -9.77
CA GLU C 120 -23.40 -9.41 -8.59
CA GLU C 120 -23.36 -9.44 -8.54
C GLU C 120 -22.41 -9.44 -7.44
C GLU C 120 -22.35 -9.54 -7.40
N SER C 121 -21.77 -10.59 -7.22
N SER C 121 -21.73 -10.71 -7.23
CA SER C 121 -20.83 -10.70 -6.11
CA SER C 121 -20.72 -10.86 -6.19
C SER C 121 -19.57 -9.89 -6.35
C SER C 121 -19.54 -9.92 -6.42
N ARG C 122 -19.10 -9.82 -7.60
N ARG C 122 -19.05 -9.87 -7.66
CA ARG C 122 -17.92 -9.02 -7.87
CA ARG C 122 -17.92 -9.01 -7.97
C ARG C 122 -18.20 -7.54 -7.61
C ARG C 122 -18.22 -7.57 -7.59
N VAL C 123 -19.39 -7.07 -8.02
CA VAL C 123 -19.76 -5.69 -7.73
C VAL C 123 -19.88 -5.48 -6.23
N PHE C 124 -20.53 -6.42 -5.54
CA PHE C 124 -20.66 -6.33 -4.08
C PHE C 124 -19.30 -6.13 -3.42
N TYR C 125 -18.30 -6.93 -3.83
CA TYR C 125 -16.99 -6.88 -3.19
C TYR C 125 -16.21 -5.63 -3.59
N LEU C 126 -16.29 -5.24 -4.86
CA LEU C 126 -15.59 -4.03 -5.30
C LEU C 126 -16.19 -2.79 -4.63
N LYS C 127 -17.52 -2.74 -4.49
CA LYS C 127 -18.15 -1.67 -3.72
C LYS C 127 -17.61 -1.67 -2.30
N MET C 128 -17.54 -2.84 -1.68
CA MET C 128 -17.02 -2.96 -0.32
CA MET C 128 -17.03 -2.93 -0.32
C MET C 128 -15.59 -2.43 -0.25
N LYS C 129 -14.78 -2.72 -1.25
CA LYS C 129 -13.41 -2.22 -1.29
C LYS C 129 -13.40 -0.70 -1.33
N GLY C 130 -14.24 -0.12 -2.19
CA GLY C 130 -14.37 1.33 -2.19
C GLY C 130 -14.80 1.87 -0.84
N ASP C 131 -15.78 1.21 -0.22
CA ASP C 131 -16.29 1.66 1.07
C ASP C 131 -15.20 1.66 2.14
N TYR C 132 -14.42 0.58 2.23
CA TYR C 132 -13.43 0.50 3.30
C TYR C 132 -12.23 1.41 3.04
N TYR C 133 -11.84 1.64 1.77
CA TYR C 133 -10.90 2.72 1.51
C TYR C 133 -11.51 4.07 1.88
N ARG C 134 -12.81 4.27 1.65
CA ARG C 134 -13.45 5.52 2.05
C ARG C 134 -13.38 5.72 3.56
N TYR C 135 -13.61 4.65 4.33
CA TYR C 135 -13.50 4.78 5.78
C TYR C 135 -12.08 5.15 6.18
N LEU C 136 -11.08 4.55 5.53
CA LEU C 136 -9.70 4.98 5.78
C LEU C 136 -9.50 6.44 5.42
N ALA C 137 -10.09 6.89 4.32
CA ALA C 137 -9.88 8.26 3.88
C ALA C 137 -10.45 9.26 4.88
N GLU C 138 -11.51 8.90 5.60
CA GLU C 138 -12.10 9.80 6.57
C GLU C 138 -11.13 10.19 7.65
N VAL C 139 -10.16 9.32 7.97
CA VAL C 139 -9.22 9.58 9.06
C VAL C 139 -7.79 9.77 8.57
N ALA C 140 -7.54 9.66 7.27
CA ALA C 140 -6.21 9.79 6.74
C ALA C 140 -5.84 11.26 6.53
N THR C 141 -4.55 11.51 6.38
CA THR C 141 -4.05 12.84 6.11
C THR C 141 -3.01 12.79 5.00
N GLY C 142 -2.78 13.95 4.38
CA GLY C 142 -1.60 14.15 3.56
C GLY C 142 -1.53 13.22 2.36
N ASP C 143 -0.31 12.76 2.07
CA ASP C 143 -0.09 11.95 0.89
C ASP C 143 -0.77 10.59 0.99
N ASP C 144 -0.82 10.03 2.19
CA ASP C 144 -1.52 8.77 2.40
C ASP C 144 -2.99 8.92 2.03
N LYS C 145 -3.62 10.01 2.46
CA LYS C 145 -5.02 10.25 2.11
C LYS C 145 -5.21 10.31 0.59
N LYS C 146 -4.31 11.00 -0.12
N LYS C 146 -4.31 10.99 -0.12
CA LYS C 146 -4.44 11.09 -1.56
CA LYS C 146 -4.46 11.08 -1.57
C LYS C 146 -4.37 9.72 -2.22
C LYS C 146 -4.37 9.71 -2.22
N ARG C 147 -3.45 8.86 -1.77
CA ARG C 147 -3.36 7.50 -2.31
C ARG C 147 -4.63 6.70 -2.00
N ILE C 148 -5.14 6.82 -0.78
CA ILE C 148 -6.35 6.12 -0.39
C ILE C 148 -7.53 6.56 -1.24
N ILE C 149 -7.66 7.87 -1.48
CA ILE C 149 -8.75 8.40 -2.28
C ILE C 149 -8.70 7.82 -3.68
N ASP C 150 -7.50 7.76 -4.28
CA ASP C 150 -7.39 7.18 -5.62
C ASP C 150 -7.75 5.69 -5.61
N SER C 151 -7.37 4.96 -4.56
CA SER C 151 -7.70 3.55 -4.47
C SER C 151 -9.21 3.34 -4.36
N ALA C 152 -9.87 4.15 -3.54
CA ALA C 152 -11.32 4.06 -3.41
C ALA C 152 -11.99 4.33 -4.74
N ARG C 153 -11.58 5.40 -5.43
CA ARG C 153 -12.19 5.74 -6.70
C ARG C 153 -12.04 4.61 -7.70
N SER C 154 -10.84 4.00 -7.76
CA SER C 154 -10.59 2.94 -8.72
CA SER C 154 -10.60 2.94 -8.73
C SER C 154 -11.47 1.73 -8.46
N ALA C 155 -11.65 1.36 -7.19
CA ALA C 155 -12.51 0.22 -6.87
C ALA C 155 -13.95 0.52 -7.22
N TYR C 156 -14.45 1.68 -6.81
CA TYR C 156 -15.82 2.06 -7.14
C TYR C 156 -16.03 2.09 -8.64
N GLN C 157 -15.05 2.60 -9.38
N GLN C 157 -15.06 2.64 -9.39
CA GLN C 157 -15.23 2.77 -10.83
CA GLN C 157 -15.26 2.76 -10.83
C GLN C 157 -15.22 1.42 -11.55
C GLN C 157 -15.31 1.38 -11.48
N GLU C 158 -14.45 0.46 -11.05
CA GLU C 158 -14.55 -0.87 -11.64
CA GLU C 158 -14.53 -0.90 -11.60
C GLU C 158 -15.91 -1.50 -11.35
N ALA C 159 -16.42 -1.33 -10.13
CA ALA C 159 -17.75 -1.82 -9.81
C ALA C 159 -18.80 -1.18 -10.69
N MET C 160 -18.68 0.12 -10.93
CA MET C 160 -19.63 0.81 -11.81
C MET C 160 -19.61 0.22 -13.20
N ASP C 161 -18.42 -0.02 -13.75
CA ASP C 161 -18.33 -0.54 -15.11
C ASP C 161 -19.02 -1.89 -15.22
N ILE C 162 -18.81 -2.77 -14.25
CA ILE C 162 -19.43 -4.08 -14.28
C ILE C 162 -20.94 -3.97 -14.13
N SER C 163 -21.39 -3.12 -13.20
N SER C 163 -21.39 -3.16 -13.16
CA SER C 163 -22.82 -3.02 -12.93
CA SER C 163 -22.82 -3.00 -12.94
C SER C 163 -23.59 -2.44 -14.11
C SER C 163 -23.52 -2.54 -14.21
N LYS C 164 -22.96 -1.53 -14.87
CA LYS C 164 -23.62 -0.98 -16.05
C LYS C 164 -23.74 -2.01 -17.15
N LYS C 165 -22.78 -2.92 -17.26
CA LYS C 165 -22.83 -3.94 -18.29
C LYS C 165 -23.73 -5.12 -17.91
N GLU C 166 -23.82 -5.46 -16.62
CA GLU C 166 -24.33 -6.76 -16.22
C GLU C 166 -25.60 -6.71 -15.39
N MET C 167 -26.02 -5.56 -14.88
N MET C 167 -26.01 -5.56 -14.88
CA MET C 167 -27.15 -5.49 -13.98
CA MET C 167 -27.14 -5.45 -13.99
C MET C 167 -28.12 -4.40 -14.42
C MET C 167 -28.14 -4.46 -14.57
N PRO C 168 -29.42 -4.61 -14.28
CA PRO C 168 -30.39 -3.59 -14.71
C PRO C 168 -30.29 -2.34 -13.86
N PRO C 169 -30.72 -1.21 -14.38
CA PRO C 169 -30.55 0.06 -13.66
C PRO C 169 -31.34 0.18 -12.36
N THR C 170 -32.31 -0.70 -12.10
CA THR C 170 -33.05 -0.67 -10.84
C THR C 170 -32.50 -1.65 -9.82
N ASN C 171 -31.51 -2.45 -10.19
CA ASN C 171 -30.98 -3.46 -9.30
C ASN C 171 -30.50 -2.82 -8.00
N PRO C 172 -30.94 -3.31 -6.84
CA PRO C 172 -30.56 -2.65 -5.57
C PRO C 172 -29.06 -2.59 -5.31
N ILE C 173 -28.29 -3.60 -5.72
N ILE C 173 -28.31 -3.63 -5.67
CA ILE C 173 -26.84 -3.56 -5.48
CA ILE C 173 -26.85 -3.59 -5.51
C ILE C 173 -26.19 -2.49 -6.35
C ILE C 173 -26.28 -2.44 -6.32
N ARG C 174 -26.65 -2.36 -7.60
CA ARG C 174 -26.17 -1.30 -8.46
C ARG C 174 -26.54 0.06 -7.89
N LEU C 175 -27.77 0.22 -7.42
CA LEU C 175 -28.19 1.50 -6.85
C LEU C 175 -27.39 1.84 -5.60
N GLY C 176 -27.15 0.86 -4.73
CA GLY C 176 -26.40 1.14 -3.52
C GLY C 176 -24.95 1.49 -3.79
N LEU C 177 -24.36 0.85 -4.80
CA LEU C 177 -23.02 1.24 -5.26
C LEU C 177 -23.01 2.69 -5.71
N ALA C 178 -23.96 3.07 -6.55
CA ALA C 178 -23.98 4.45 -7.03
C ALA C 178 -24.19 5.43 -5.89
N LEU C 179 -25.04 5.07 -4.91
CA LEU C 179 -25.23 5.89 -3.74
C LEU C 179 -23.90 6.11 -3.02
N ASN C 180 -23.19 5.02 -2.71
CA ASN C 180 -21.97 5.17 -1.93
C ASN C 180 -20.86 5.86 -2.72
N PHE C 181 -20.77 5.59 -4.02
CA PHE C 181 -19.76 6.26 -4.85
C PHE C 181 -20.04 7.76 -4.93
N SER C 182 -21.32 8.13 -5.04
CA SER C 182 -21.66 9.55 -5.05
C SER C 182 -21.33 10.20 -3.70
N VAL C 183 -21.57 9.50 -2.59
CA VAL C 183 -21.15 10.02 -1.28
C VAL C 183 -19.65 10.21 -1.25
N PHE C 184 -18.90 9.24 -1.76
CA PHE C 184 -17.45 9.39 -1.85
C PHE C 184 -17.08 10.66 -2.60
N HIS C 185 -17.68 10.88 -3.77
CA HIS C 185 -17.35 12.06 -4.55
C HIS C 185 -17.55 13.33 -3.72
N TYR C 186 -18.70 13.42 -3.03
CA TYR C 186 -19.04 14.67 -2.36
C TYR C 186 -18.26 14.86 -1.06
N GLU C 187 -18.23 13.83 -0.22
CA GLU C 187 -17.71 13.93 1.14
C GLU C 187 -16.20 13.74 1.23
N ILE C 188 -15.63 12.98 0.32
CA ILE C 188 -14.22 12.59 0.40
C ILE C 188 -13.39 13.29 -0.67
N ALA C 189 -13.82 13.21 -1.92
CA ALA C 189 -13.03 13.64 -3.06
C ALA C 189 -13.25 15.10 -3.42
N ASN C 190 -14.09 15.82 -2.66
N ASN C 190 -14.09 15.83 -2.67
CA ASN C 190 -14.39 17.23 -2.95
CA ASN C 190 -14.33 17.25 -2.93
C ASN C 190 -14.73 17.42 -4.43
C ASN C 190 -14.77 17.48 -4.37
N SER C 191 -15.62 16.56 -4.91
N SER C 191 -15.56 16.56 -4.90
CA SER C 191 -16.07 16.58 -6.31
CA SER C 191 -16.04 16.62 -6.29
C SER C 191 -17.59 16.61 -6.30
C SER C 191 -17.57 16.62 -6.27
N PRO C 192 -18.18 17.71 -5.83
CA PRO C 192 -19.65 17.77 -5.77
C PRO C 192 -20.30 17.60 -7.13
N GLU C 193 -19.68 18.12 -8.20
CA GLU C 193 -20.28 17.99 -9.52
C GLU C 193 -20.39 16.53 -9.94
N GLU C 194 -19.36 15.74 -9.67
CA GLU C 194 -19.41 14.32 -10.01
C GLU C 194 -20.42 13.59 -9.14
N ALA C 195 -20.53 13.98 -7.86
CA ALA C 195 -21.51 13.35 -6.97
C ALA C 195 -22.92 13.57 -7.49
N ILE C 196 -23.25 14.82 -7.82
CA ILE C 196 -24.59 15.16 -8.30
C ILE C 196 -24.87 14.46 -9.62
N SER C 197 -23.92 14.51 -10.56
CA SER C 197 -24.11 13.89 -11.87
CA SER C 197 -24.13 13.90 -11.86
C SER C 197 -24.39 12.41 -11.73
N LEU C 198 -23.60 11.73 -10.90
CA LEU C 198 -23.79 10.29 -10.72
C LEU C 198 -25.13 9.99 -10.07
N ALA C 199 -25.48 10.72 -9.02
CA ALA C 199 -26.74 10.45 -8.34
C ALA C 199 -27.92 10.71 -9.26
N LYS C 200 -27.84 11.80 -10.04
CA LYS C 200 -28.92 12.17 -10.95
C LYS C 200 -29.09 11.14 -12.06
N THR C 201 -28.01 10.77 -12.75
N THR C 201 -28.01 10.78 -12.74
CA THR C 201 -28.15 9.79 -13.82
CA THR C 201 -28.09 9.79 -13.81
C THR C 201 -28.64 8.45 -13.28
C THR C 201 -28.65 8.48 -13.27
N THR C 202 -28.16 8.06 -12.10
CA THR C 202 -28.64 6.81 -11.51
C THR C 202 -30.14 6.90 -11.22
N PHE C 203 -30.57 8.00 -10.63
CA PHE C 203 -31.98 8.21 -10.31
C PHE C 203 -32.85 8.11 -11.55
N ASP C 204 -32.47 8.83 -12.63
CA ASP C 204 -33.29 8.87 -13.84
C ASP C 204 -33.33 7.52 -14.54
N GLU C 205 -32.18 6.83 -14.61
CA GLU C 205 -32.13 5.56 -15.32
C GLU C 205 -32.93 4.50 -14.59
N ALA C 206 -32.99 4.58 -13.25
CA ALA C 206 -33.85 3.68 -12.48
C ALA C 206 -35.32 4.04 -12.67
N MET C 207 -35.63 5.34 -12.64
N MET C 207 -35.65 5.32 -12.62
CA MET C 207 -37.01 5.80 -12.80
CA MET C 207 -37.06 5.68 -12.78
C MET C 207 -37.64 5.27 -14.09
C MET C 207 -37.64 5.13 -14.08
N ALA C 208 -36.86 5.16 -15.16
CA ALA C 208 -37.38 4.70 -16.44
C ALA C 208 -37.92 3.28 -16.39
N ASP C 209 -37.39 2.44 -15.48
CA ASP C 209 -37.73 1.03 -15.44
C ASP C 209 -38.61 0.66 -14.26
N LEU C 210 -39.01 1.62 -13.41
CA LEU C 210 -39.81 1.28 -12.23
C LEU C 210 -41.09 0.54 -12.61
N HIS C 211 -41.69 0.86 -13.76
CA HIS C 211 -42.97 0.27 -14.16
C HIS C 211 -42.85 -1.20 -14.49
N THR C 212 -41.64 -1.71 -14.72
CA THR C 212 -41.45 -3.12 -15.03
C THR C 212 -41.34 -4.01 -13.80
N LEU C 213 -41.31 -3.42 -12.60
CA LEU C 213 -40.95 -4.16 -11.39
C LEU C 213 -42.18 -4.70 -10.65
N SER C 214 -41.97 -5.78 -9.92
CA SER C 214 -42.95 -6.25 -8.96
C SER C 214 -43.12 -5.23 -7.84
N GLU C 215 -44.16 -5.41 -7.02
CA GLU C 215 -44.40 -4.52 -5.90
C GLU C 215 -43.18 -4.48 -4.97
N ASP C 216 -42.64 -5.65 -4.63
CA ASP C 216 -41.53 -5.69 -3.69
C ASP C 216 -40.27 -5.10 -4.29
N SER C 217 -40.02 -5.33 -5.58
CA SER C 217 -38.84 -4.75 -6.20
C SER C 217 -38.98 -3.24 -6.35
N TYR C 218 -40.18 -2.79 -6.72
CA TYR C 218 -40.45 -1.34 -6.76
C TYR C 218 -40.14 -0.71 -5.41
N LYS C 219 -40.54 -1.35 -4.32
CA LYS C 219 -40.25 -0.82 -2.99
C LYS C 219 -38.76 -0.77 -2.74
N ASP C 220 -38.05 -1.86 -3.04
CA ASP C 220 -36.60 -1.90 -2.84
C ASP C 220 -35.93 -0.77 -3.61
N SER C 221 -36.29 -0.61 -4.88
CA SER C 221 -35.59 0.35 -5.74
C SER C 221 -35.91 1.78 -5.34
N THR C 222 -37.20 2.08 -5.08
CA THR C 222 -37.55 3.45 -4.70
C THR C 222 -36.99 3.83 -3.35
N LEU C 223 -36.78 2.86 -2.46
CA LEU C 223 -36.15 3.16 -1.18
C LEU C 223 -34.75 3.71 -1.40
N ILE C 224 -33.97 3.07 -2.25
CA ILE C 224 -32.61 3.56 -2.48
C ILE C 224 -32.63 4.81 -3.33
N MET C 225 -33.58 4.92 -4.28
CA MET C 225 -33.72 6.17 -5.01
C MET C 225 -33.97 7.33 -4.06
N GLN C 226 -34.75 7.09 -2.99
CA GLN C 226 -35.01 8.15 -2.04
C GLN C 226 -33.77 8.52 -1.26
N LEU C 227 -32.86 7.56 -1.00
CA LEU C 227 -31.57 7.90 -0.40
C LEU C 227 -30.73 8.76 -1.34
N LEU C 228 -30.73 8.45 -2.63
CA LEU C 228 -30.08 9.32 -3.62
C LEU C 228 -30.71 10.71 -3.60
N ARG C 229 -32.04 10.76 -3.55
CA ARG C 229 -32.75 12.03 -3.51
C ARG C 229 -32.39 12.85 -2.28
N ASP C 230 -32.30 12.20 -1.11
CA ASP C 230 -31.96 12.94 0.11
C ASP C 230 -30.62 13.63 -0.05
N ASN C 231 -29.66 12.92 -0.63
CA ASN C 231 -28.35 13.49 -0.83
C ASN C 231 -28.38 14.61 -1.87
N LEU C 232 -29.13 14.42 -2.96
CA LEU C 232 -29.26 15.47 -3.96
C LEU C 232 -29.87 16.73 -3.36
N THR C 233 -30.85 16.58 -2.46
CA THR C 233 -31.45 17.74 -1.83
C THR C 233 -30.43 18.47 -0.95
N LEU C 234 -29.62 17.71 -0.19
CA LEU C 234 -28.57 18.33 0.60
C LEU C 234 -27.54 19.01 -0.29
N TRP C 235 -27.28 18.43 -1.47
CA TRP C 235 -26.25 18.91 -2.37
C TRP C 235 -26.75 19.95 -3.36
N THR C 236 -28.07 20.09 -3.54
CA THR C 236 -28.60 21.01 -4.55
C THR C 236 -29.82 21.80 -4.06
N THR D 1 -22.96 13.30 4.73
CA THR D 1 -23.99 12.69 3.90
C THR D 1 -24.09 11.19 4.19
N PRO D 2 -25.32 10.66 4.33
CA PRO D 2 -25.41 9.23 4.65
C PRO D 2 -25.20 8.26 3.47
N SEP D 3 -24.52 7.17 3.78
CA SEP D 3 -24.25 6.08 2.84
CB SEP D 3 -22.89 5.48 3.16
OG SEP D 3 -22.92 4.97 4.48
C SEP D 3 -25.34 5.01 3.00
O SEP D 3 -26.25 5.14 3.81
P SEP D 3 -21.51 4.57 5.12
O1P SEP D 3 -20.60 5.85 5.22
O2P SEP D 3 -21.89 4.05 6.55
O3P SEP D 3 -20.87 3.43 4.22
HA SEP D 3 -24.26 6.41 1.92
HB2 SEP D 3 -22.21 6.18 3.09
HB3 SEP D 3 -22.69 4.77 2.54
N LEU D 4 -25.23 3.93 2.24
CA LEU D 4 -26.20 2.84 2.32
C LEU D 4 -26.26 2.26 3.74
N PRO D 5 -27.45 2.12 4.34
CA PRO D 5 -27.57 1.63 5.71
C PRO D 5 -27.56 0.11 5.84
N GLY D 6 -26.60 -0.53 5.19
CA GLY D 6 -26.47 -1.98 5.22
C GLY D 6 -25.69 -2.46 4.02
NA NA E . 4.35 23.16 -7.56
NA NA F . 35.46 -16.76 3.37
NA NA G . 21.85 -0.25 -23.22
NA NA H . 27.23 -21.34 -6.05
NA NA I . 34.66 -10.55 3.05
C14 D3W J . 27.34 3.10 -5.13
C10 D3W J . 26.25 5.25 -5.06
C13 D3W J . 28.35 3.58 -4.31
C11 D3W J . 27.27 5.74 -4.23
C12 D3W J . 28.32 4.89 -3.85
C01 D3W J . 26.16 7.04 -9.29
C03 D3W J . 25.94 7.83 -7.03
C04 D3W J . 26.31 9.14 -7.42
C05 D3W J . 26.21 10.16 -6.50
C06 D3W J . 25.75 9.91 -5.22
C07 D3W J . 25.38 8.61 -4.84
C08 D3W J . 25.47 7.57 -5.76
C09 D3W J . 25.08 6.14 -5.46
C15 D3W J . 26.27 3.95 -5.50
C16 D3W J . 23.96 6.08 -4.34
C18 D3W J . 22.29 4.50 -5.06
C19 D3W J . 21.96 5.68 -5.64
C20 D3W J . 22.65 6.79 -4.86
N17 D3W J . 23.58 4.83 -4.13
O02 D3W J . 26.00 6.74 -7.93
CL CL K . -4.33 6.34 24.54
CL CL L . -16.01 -20.91 19.88
NA NA M . -33.40 7.65 -18.08
NA NA N . -33.41 -1.51 -18.61
C14 D3W O . -29.43 -1.93 2.54
C10 D3W O . -28.56 -4.01 3.42
C13 D3W O . -30.36 -1.87 3.58
C11 D3W O . -29.49 -3.95 4.47
C12 D3W O . -30.40 -2.87 4.55
C01 D3W O . -29.20 -7.93 0.80
C03 D3W O . -28.91 -7.25 3.05
C04 D3W O . -29.49 -8.43 3.54
C05 D3W O . -29.33 -8.79 4.88
C06 D3W O . -28.59 -7.97 5.73
C07 D3W O . -28.00 -6.78 5.24
C08 D3W O . -28.18 -6.43 3.90
C09 D3W O . -27.58 -5.17 3.33
C15 D3W O . -28.52 -3.02 2.47
C16 D3W O . -26.22 -4.83 4.08
C18 D3W O . -24.80 -4.36 2.27
C19 D3W O . -24.46 -5.62 2.55
C20 D3W O . -25.17 -6.00 3.84
N17 D3W O . -25.68 -3.80 3.54
O02 D3W O . -29.07 -6.86 1.70
#